data_6PR9
#
_entry.id   6PR9
#
_cell.length_a   78.980
_cell.length_b   78.980
_cell.length_c   107.330
_cell.angle_alpha   90.000
_cell.angle_beta   90.000
_cell.angle_gamma   120.000
#
_symmetry.space_group_name_H-M   'P 61 2 2'
#
loop_
_entity.id
_entity.type
_entity.pdbx_description
1 polymer 'Dihydrofolate reductase'
2 non-polymer 'NADP NICOTINAMIDE-ADENINE-DINUCLEOTIDE PHOSPHATE'
3 non-polymer (2E)-3-{5-[(2,4-diaminopyrimidin-5-yl)methyl]-2,3-dimethoxyphenyl}-1-[(1S)-1-(pentan-3-yl)-3,4-dihydrophthalazin-2(1H)-yl]prop-2-en-1-one
4 non-polymer GLYCEROL
5 water water
#
_entity_poly.entity_id   1
_entity_poly.type   'polypeptide(L)'
_entity_poly.pdbx_seq_one_letter_code
;TLSILVAHDLQRVIGFENQLPWHLPNDLKHVKKLSTGHTLVMGRKTFESIGKPLPNRRNVVLTSDTSFNVEGVDVIHSIE
DIYQLPGHVFIFGGQTLFEEMIDKVDDMYITVIEGKFRGDTFFPPYTFEDWEVASSVEGKLDEKNTIPHTFLHLIRKKLV
PR
;
_entity_poly.pdbx_strand_id   A
#
# COMPACT_ATOMS: atom_id res chain seq x y z
N THR A 1 9.31 0.37 -12.66
CA THR A 1 9.54 0.56 -11.24
C THR A 1 8.40 -0.08 -10.41
N LEU A 2 8.79 -0.80 -9.37
CA LEU A 2 7.82 -1.48 -8.52
C LEU A 2 7.94 -0.99 -7.08
N SER A 3 6.86 -0.41 -6.56
CA SER A 3 6.83 0.18 -5.23
C SER A 3 5.74 -0.44 -4.36
N ILE A 4 5.96 -0.45 -3.05
CA ILE A 4 4.88 -0.69 -2.10
C ILE A 4 4.26 0.65 -1.71
N LEU A 5 2.94 0.67 -1.55
CA LEU A 5 2.21 1.81 -1.00
C LEU A 5 1.34 1.35 0.18
N VAL A 6 1.57 1.88 1.37
CA VAL A 6 0.93 1.35 2.60
C VAL A 6 0.85 2.38 3.71
N ALA A 7 -0.19 2.27 4.53
CA ALA A 7 -0.26 2.98 5.80
C ALA A 7 -0.24 1.94 6.93
N HIS A 8 0.68 2.07 7.88
CA HIS A 8 0.64 1.17 9.03
C HIS A 8 0.89 1.92 10.32
N ASP A 9 0.35 1.41 11.43
CA ASP A 9 0.46 2.15 12.69
C ASP A 9 1.75 1.74 13.42
N LEU A 10 1.90 2.18 14.67
CA LEU A 10 3.13 1.95 15.42
C LEU A 10 3.43 0.47 15.60
N GLN A 11 2.42 -0.38 15.43
CA GLN A 11 2.62 -1.83 15.61
C GLN A 11 2.45 -2.58 14.29
N ARG A 12 2.46 -1.81 13.20
CA ARG A 12 2.32 -2.27 11.83
C ARG A 12 0.94 -2.84 11.49
N VAL A 13 -0.09 -2.47 12.26
CA VAL A 13 -1.47 -2.75 11.89
C VAL A 13 -1.77 -2.00 10.60
N ILE A 14 -2.41 -2.67 9.64
CA ILE A 14 -2.89 -2.00 8.43
C ILE A 14 -4.41 -2.11 8.23
N GLY A 15 -5.07 -3.02 8.95
CA GLY A 15 -6.49 -3.22 8.72
C GLY A 15 -7.26 -3.83 9.86
N PHE A 16 -8.57 -3.65 9.85
CA PHE A 16 -9.42 -4.34 10.80
C PHE A 16 -10.79 -4.57 10.16
N GLU A 17 -11.22 -5.81 10.14
CA GLU A 17 -12.48 -6.19 9.51
C GLU A 17 -12.61 -5.60 8.10
N ASN A 18 -11.56 -5.82 7.31
CA ASN A 18 -11.50 -5.42 5.91
C ASN A 18 -11.75 -3.94 5.69
N GLN A 19 -11.40 -3.12 6.68
CA GLN A 19 -11.39 -1.66 6.54
C GLN A 19 -10.11 -1.07 7.12
N LEU A 20 -9.82 0.19 6.77
CA LEU A 20 -8.73 0.92 7.42
C LEU A 20 -9.18 1.22 8.84
N PRO A 21 -8.30 1.00 9.83
CA PRO A 21 -8.71 1.25 11.23
C PRO A 21 -8.88 2.72 11.54
N TRP A 22 -8.31 3.60 10.73
CA TRP A 22 -8.30 5.05 11.00
C TRP A 22 -9.09 5.85 9.97
N HIS A 23 -9.56 7.02 10.39
N HIS A 23 -9.54 7.02 10.40
CA HIS A 23 -10.10 8.00 9.45
CA HIS A 23 -10.09 8.02 9.50
C HIS A 23 -9.06 9.09 9.24
C HIS A 23 -9.02 9.08 9.26
N LEU A 24 -8.40 9.07 8.09
CA LEU A 24 -7.35 10.04 7.80
C LEU A 24 -7.36 10.49 6.35
N PRO A 25 -8.23 11.45 6.01
CA PRO A 25 -8.39 11.94 4.63
C PRO A 25 -7.06 12.32 3.95
N ASN A 26 -6.16 13.00 4.66
CA ASN A 26 -4.87 13.40 4.12
CA ASN A 26 -4.91 13.42 4.04
C ASN A 26 -4.08 12.24 3.53
N ASP A 27 -4.22 11.05 4.14
CA ASP A 27 -3.43 9.93 3.66
C ASP A 27 -3.99 9.41 2.34
N LEU A 28 -5.30 9.47 2.21
CA LEU A 28 -5.93 9.06 0.97
C LEU A 28 -5.60 10.07 -0.14
N LYS A 29 -5.48 11.36 0.22
CA LYS A 29 -5.02 12.35 -0.76
C LYS A 29 -3.56 12.06 -1.18
N HIS A 30 -2.74 11.70 -0.21
CA HIS A 30 -1.37 11.29 -0.45
C HIS A 30 -1.33 10.14 -1.44
N VAL A 31 -2.16 9.14 -1.17
CA VAL A 31 -2.29 7.99 -2.05
C VAL A 31 -2.67 8.40 -3.47
N LYS A 32 -3.68 9.26 -3.58
CA LYS A 32 -4.16 9.75 -4.88
C LYS A 32 -3.04 10.46 -5.65
N LYS A 33 -2.35 11.37 -4.96
CA LYS A 33 -1.26 12.12 -5.56
C LYS A 33 -0.16 11.20 -6.10
N LEU A 34 0.28 10.23 -5.30
CA LEU A 34 1.33 9.32 -5.73
C LEU A 34 0.95 8.44 -6.92
N SER A 35 -0.28 7.93 -6.93
CA SER A 35 -0.63 6.85 -7.85
C SER A 35 -1.37 7.29 -9.12
N THR A 36 -1.81 8.53 -9.19
CA THR A 36 -2.52 9.00 -10.38
C THR A 36 -1.67 8.84 -11.63
N GLY A 37 -2.25 8.21 -12.65
CA GLY A 37 -1.57 8.01 -13.91
C GLY A 37 -0.72 6.77 -13.91
N HIS A 38 -0.75 5.99 -12.82
CA HIS A 38 0.09 4.80 -12.75
C HIS A 38 -0.77 3.56 -12.53
N THR A 39 -0.19 2.49 -11.98
CA THR A 39 -0.90 1.24 -11.81
C THR A 39 -0.94 0.79 -10.35
N LEU A 40 -2.12 0.39 -9.89
CA LEU A 40 -2.30 -0.24 -8.59
C LEU A 40 -2.49 -1.73 -8.76
N VAL A 41 -1.77 -2.51 -7.96
CA VAL A 41 -1.98 -3.94 -7.88
C VAL A 41 -2.45 -4.24 -6.46
N MET A 42 -3.62 -4.87 -6.34
CA MET A 42 -4.20 -5.14 -5.03
C MET A 42 -4.80 -6.55 -4.97
N GLY A 43 -4.89 -7.10 -3.76
CA GLY A 43 -5.54 -8.39 -3.57
C GLY A 43 -7.05 -8.22 -3.60
N ARG A 44 -7.76 -9.33 -3.78
CA ARG A 44 -9.21 -9.30 -3.98
C ARG A 44 -9.95 -8.66 -2.80
N LYS A 45 -9.51 -8.94 -1.58
CA LYS A 45 -10.22 -8.42 -0.41
C LYS A 45 -10.07 -6.92 -0.33
N THR A 46 -8.88 -6.43 -0.62
CA THR A 46 -8.67 -4.99 -0.65
C THR A 46 -9.60 -4.33 -1.68
N PHE A 47 -9.70 -4.95 -2.86
CA PHE A 47 -10.58 -4.36 -3.87
C PHE A 47 -12.04 -4.29 -3.40
N GLU A 48 -12.52 -5.39 -2.83
CA GLU A 48 -13.91 -5.45 -2.37
CA GLU A 48 -13.91 -5.44 -2.38
C GLU A 48 -14.19 -4.44 -1.27
N SER A 49 -13.19 -4.18 -0.45
CA SER A 49 -13.35 -3.17 0.59
C SER A 49 -13.59 -1.78 -0.02
N ILE A 50 -12.75 -1.41 -0.99
CA ILE A 50 -12.92 -0.14 -1.69
C ILE A 50 -14.21 -0.14 -2.51
N GLY A 51 -14.48 -1.27 -3.17
CA GLY A 51 -15.78 -1.50 -3.79
C GLY A 51 -15.95 -1.05 -5.24
N LYS A 52 -14.98 -0.31 -5.75
CA LYS A 52 -15.02 0.24 -7.11
C LYS A 52 -13.60 0.62 -7.53
N PRO A 53 -13.32 0.66 -8.83
CA PRO A 53 -11.96 1.06 -9.23
C PRO A 53 -11.72 2.51 -8.89
N LEU A 54 -10.49 2.86 -8.55
CA LEU A 54 -10.14 4.25 -8.33
C LEU A 54 -9.88 4.89 -9.70
N PRO A 55 -10.52 6.04 -9.96
CA PRO A 55 -10.45 6.64 -11.30
C PRO A 55 -9.05 7.18 -11.62
N ASN A 56 -8.70 7.16 -12.90
CA ASN A 56 -7.48 7.78 -13.41
C ASN A 56 -6.19 7.07 -13.01
N ARG A 57 -6.28 5.75 -12.90
CA ARG A 57 -5.12 4.89 -12.71
C ARG A 57 -5.54 3.52 -13.19
N ARG A 58 -4.58 2.67 -13.54
CA ARG A 58 -4.89 1.29 -13.85
C ARG A 58 -5.11 0.48 -12.57
N ASN A 59 -6.30 -0.11 -12.45
CA ASN A 59 -6.65 -0.94 -11.31
C ASN A 59 -6.50 -2.41 -11.62
N VAL A 60 -5.51 -3.04 -11.00
CA VAL A 60 -5.27 -4.46 -11.24
C VAL A 60 -5.53 -5.28 -9.97
N VAL A 61 -6.35 -6.32 -10.10
CA VAL A 61 -6.73 -7.13 -8.96
C VAL A 61 -6.19 -8.54 -9.10
N LEU A 62 -5.45 -8.99 -8.09
CA LEU A 62 -4.94 -10.36 -8.06
C LEU A 62 -5.94 -11.26 -7.34
N THR A 63 -6.39 -12.31 -8.02
CA THR A 63 -7.36 -13.25 -7.45
C THR A 63 -7.21 -14.61 -8.11
N SER A 64 -7.58 -15.68 -7.41
CA SER A 64 -7.65 -16.99 -8.05
C SER A 64 -8.98 -17.18 -8.76
N ASP A 65 -9.92 -16.26 -8.54
CA ASP A 65 -11.26 -16.37 -9.11
C ASP A 65 -11.27 -16.11 -10.61
N THR A 66 -11.43 -17.17 -11.41
CA THR A 66 -11.45 -17.05 -12.86
C THR A 66 -12.75 -16.45 -13.40
N SER A 67 -13.74 -16.29 -12.52
CA SER A 67 -14.98 -15.59 -12.87
C SER A 67 -14.89 -14.10 -12.57
N PHE A 68 -13.79 -13.66 -11.98
CA PHE A 68 -13.67 -12.26 -11.65
C PHE A 68 -13.59 -11.42 -12.92
N ASN A 69 -14.48 -10.45 -13.02
CA ASN A 69 -14.49 -9.52 -14.14
C ASN A 69 -15.29 -8.31 -13.72
N VAL A 70 -14.61 -7.20 -13.52
CA VAL A 70 -15.28 -5.98 -13.08
C VAL A 70 -14.91 -4.87 -14.04
N GLU A 71 -15.91 -4.08 -14.45
CA GLU A 71 -15.69 -3.00 -15.41
C GLU A 71 -14.70 -1.99 -14.85
N GLY A 72 -13.63 -1.77 -15.59
CA GLY A 72 -12.63 -0.79 -15.20
C GLY A 72 -11.52 -1.42 -14.38
N VAL A 73 -11.55 -2.75 -14.29
CA VAL A 73 -10.53 -3.48 -13.55
C VAL A 73 -9.88 -4.53 -14.46
N ASP A 74 -8.56 -4.55 -14.43
CA ASP A 74 -7.81 -5.64 -15.03
C ASP A 74 -7.51 -6.68 -13.97
N VAL A 75 -7.53 -7.95 -14.35
CA VAL A 75 -7.36 -9.03 -13.39
C VAL A 75 -6.16 -9.86 -13.73
N ILE A 76 -5.42 -10.27 -12.71
CA ILE A 76 -4.30 -11.20 -12.89
C ILE A 76 -4.51 -12.36 -11.92
N HIS A 77 -3.85 -13.49 -12.17
CA HIS A 77 -4.10 -14.69 -11.37
C HIS A 77 -2.85 -15.23 -10.70
N SER A 78 -1.75 -14.51 -10.89
CA SER A 78 -0.47 -14.93 -10.34
C SER A 78 0.42 -13.74 -10.02
N ILE A 79 1.26 -13.90 -9.00
CA ILE A 79 2.29 -12.91 -8.67
C ILE A 79 3.15 -12.57 -9.88
N GLU A 80 3.56 -13.61 -10.62
CA GLU A 80 4.45 -13.45 -11.77
C GLU A 80 3.88 -12.50 -12.82
N ASP A 81 2.56 -12.39 -12.90
CA ASP A 81 1.91 -11.45 -13.82
C ASP A 81 2.26 -10.00 -13.52
N ILE A 82 2.61 -9.71 -12.28
CA ILE A 82 2.88 -8.32 -11.87
C ILE A 82 4.05 -7.75 -12.66
N TYR A 83 5.06 -8.57 -12.89
CA TYR A 83 6.27 -8.12 -13.57
C TYR A 83 6.06 -7.81 -15.06
N GLN A 84 4.94 -8.23 -15.63
CA GLN A 84 4.64 -7.95 -17.03
C GLN A 84 3.91 -6.62 -17.20
N LEU A 85 3.48 -6.05 -16.08
CA LEU A 85 2.82 -4.74 -16.11
C LEU A 85 3.82 -3.64 -16.40
N PRO A 86 3.54 -2.80 -17.41
CA PRO A 86 4.38 -1.64 -17.75
C PRO A 86 4.21 -0.46 -16.81
N GLY A 87 5.24 0.38 -16.73
CA GLY A 87 5.13 1.64 -16.03
C GLY A 87 5.44 1.52 -14.55
N HIS A 88 5.03 2.52 -13.79
CA HIS A 88 5.25 2.51 -12.35
C HIS A 88 4.10 1.78 -11.65
N VAL A 89 4.42 0.66 -11.03
CA VAL A 89 3.43 -0.20 -10.38
C VAL A 89 3.49 -0.10 -8.86
N PHE A 90 2.35 0.20 -8.24
CA PHE A 90 2.27 0.25 -6.78
C PHE A 90 1.54 -0.96 -6.20
N ILE A 91 2.23 -1.71 -5.35
CA ILE A 91 1.57 -2.76 -4.58
C ILE A 91 0.70 -2.10 -3.50
N PHE A 92 -0.62 -2.24 -3.65
CA PHE A 92 -1.62 -1.43 -2.95
C PHE A 92 -2.19 -2.12 -1.68
N GLY A 93 -1.85 -3.39 -1.48
CA GLY A 93 -2.38 -4.14 -0.35
C GLY A 93 -3.11 -5.42 -0.79
N GLY A 94 -3.61 -6.21 0.16
CA GLY A 94 -3.47 -5.94 1.58
C GLY A 94 -2.34 -6.76 2.15
N GLN A 95 -2.55 -7.35 3.33
CA GLN A 95 -1.50 -8.11 4.02
C GLN A 95 -0.84 -9.19 3.18
N THR A 96 -1.64 -10.00 2.48
CA THR A 96 -1.11 -11.10 1.69
CA THR A 96 -1.10 -11.11 1.69
C THR A 96 -0.18 -10.58 0.59
N LEU A 97 -0.62 -9.54 -0.11
CA LEU A 97 0.20 -8.98 -1.18
C LEU A 97 1.49 -8.33 -0.65
N PHE A 98 1.40 -7.63 0.49
CA PHE A 98 2.60 -7.04 1.07
C PHE A 98 3.58 -8.14 1.46
N GLU A 99 3.10 -9.19 2.11
CA GLU A 99 3.97 -10.31 2.49
C GLU A 99 4.63 -10.95 1.28
N GLU A 100 3.89 -11.13 0.20
CA GLU A 100 4.43 -11.74 -1.00
C GLU A 100 5.41 -10.83 -1.72
N MET A 101 5.28 -9.51 -1.56
CA MET A 101 6.06 -8.59 -2.39
C MET A 101 7.17 -7.78 -1.68
N ILE A 102 7.16 -7.72 -0.35
CA ILE A 102 8.09 -6.84 0.34
C ILE A 102 9.56 -7.14 -0.01
N ASP A 103 9.88 -8.40 -0.27
CA ASP A 103 11.25 -8.77 -0.67
C ASP A 103 11.55 -8.51 -2.16
N LYS A 104 10.57 -8.05 -2.93
CA LYS A 104 10.75 -7.88 -4.37
C LYS A 104 10.72 -6.41 -4.82
N VAL A 105 10.12 -5.53 -4.04
CA VAL A 105 9.94 -4.17 -4.50
C VAL A 105 11.22 -3.31 -4.42
N ASP A 106 11.31 -2.30 -5.28
CA ASP A 106 12.42 -1.35 -5.27
C ASP A 106 12.38 -0.45 -4.05
N ASP A 107 11.17 0.00 -3.72
CA ASP A 107 11.02 1.02 -2.71
C ASP A 107 9.62 0.97 -2.12
N MET A 108 9.43 1.72 -1.03
CA MET A 108 8.15 1.72 -0.33
C MET A 108 7.75 3.15 0.03
N TYR A 109 6.49 3.48 -0.23
CA TYR A 109 5.90 4.71 0.29
C TYR A 109 5.02 4.35 1.47
N ILE A 110 5.52 4.66 2.67
CA ILE A 110 4.84 4.27 3.89
C ILE A 110 4.33 5.49 4.65
N THR A 111 3.04 5.50 4.96
CA THR A 111 2.51 6.42 5.95
C THR A 111 2.52 5.73 7.31
N VAL A 112 3.39 6.19 8.20
CA VAL A 112 3.37 5.70 9.57
C VAL A 112 2.27 6.44 10.33
N ILE A 113 1.24 5.71 10.73
CA ILE A 113 0.19 6.26 11.57
C ILE A 113 0.70 6.19 13.00
N GLU A 114 0.88 7.33 13.65
CA GLU A 114 1.58 7.39 14.92
C GLU A 114 0.63 7.10 16.07
N GLY A 115 0.02 5.92 16.02
CA GLY A 115 -0.92 5.50 17.06
C GLY A 115 -0.97 3.98 17.15
N LYS A 116 -1.77 3.48 18.08
CA LYS A 116 -1.92 2.04 18.24
C LYS A 116 -3.39 1.71 18.09
N PHE A 117 -3.74 1.02 17.01
CA PHE A 117 -5.12 0.66 16.71
C PHE A 117 -5.34 -0.83 16.92
N ARG A 118 -6.60 -1.22 17.08
N ARG A 118 -6.59 -1.25 17.10
CA ARG A 118 -6.98 -2.62 17.01
CA ARG A 118 -6.88 -2.66 17.04
C ARG A 118 -6.91 -3.11 15.54
C ARG A 118 -6.87 -3.10 15.58
N GLY A 119 -6.14 -4.16 15.28
CA GLY A 119 -6.06 -4.67 13.92
C GLY A 119 -6.21 -6.17 13.81
N ASP A 120 -6.50 -6.67 12.61
CA ASP A 120 -6.43 -8.10 12.38
C ASP A 120 -5.54 -8.42 11.17
N THR A 121 -4.96 -7.38 10.57
CA THR A 121 -4.04 -7.57 9.46
C THR A 121 -2.87 -6.60 9.61
N PHE A 122 -1.69 -7.05 9.18
CA PHE A 122 -0.43 -6.38 9.49
C PHE A 122 0.49 -6.27 8.30
N PHE A 123 1.32 -5.23 8.30
CA PHE A 123 2.43 -5.11 7.36
C PHE A 123 3.58 -5.97 7.88
N PRO A 124 4.32 -6.66 7.00
CA PRO A 124 5.40 -7.51 7.52
C PRO A 124 6.48 -6.66 8.22
N PRO A 125 7.14 -7.24 9.22
CA PRO A 125 8.27 -6.52 9.85
C PRO A 125 9.37 -6.22 8.83
N TYR A 126 10.04 -5.10 9.02
CA TYR A 126 11.18 -4.71 8.19
C TYR A 126 12.10 -3.89 9.07
N THR A 127 13.36 -3.75 8.67
CA THR A 127 14.30 -3.00 9.48
C THR A 127 14.94 -1.84 8.69
N PHE A 128 15.14 -0.69 9.33
CA PHE A 128 15.79 0.43 8.64
C PHE A 128 17.25 0.13 8.32
N GLU A 129 17.76 -0.99 8.82
CA GLU A 129 19.08 -1.44 8.38
C GLU A 129 19.07 -1.74 6.89
N ASP A 130 17.93 -2.17 6.36
CA ASP A 130 17.86 -2.58 4.96
C ASP A 130 17.32 -1.48 4.04
N TRP A 131 16.83 -0.39 4.63
CA TRP A 131 16.04 0.62 3.88
C TRP A 131 16.53 2.02 4.17
N GLU A 132 16.94 2.72 3.13
CA GLU A 132 17.38 4.10 3.27
C GLU A 132 16.17 5.04 3.27
N VAL A 133 16.15 6.00 4.18
CA VAL A 133 15.06 6.98 4.22
C VAL A 133 15.30 8.09 3.17
N ALA A 134 14.72 7.94 1.99
CA ALA A 134 14.85 8.94 0.93
C ALA A 134 14.17 10.25 1.34
N SER A 135 13.08 10.13 2.09
CA SER A 135 12.42 11.30 2.66
C SER A 135 11.52 10.89 3.81
N SER A 136 11.35 11.82 4.74
CA SER A 136 10.47 11.65 5.87
C SER A 136 9.81 12.99 6.16
N VAL A 137 8.49 13.04 6.01
CA VAL A 137 7.72 14.29 6.07
C VAL A 137 6.55 14.14 7.04
N GLU A 138 6.49 14.98 8.06
CA GLU A 138 5.36 14.96 9.00
C GLU A 138 4.08 15.41 8.31
N GLY A 139 3.00 14.67 8.51
CA GLY A 139 1.71 15.07 7.98
C GLY A 139 1.20 16.22 8.84
N LYS A 140 0.47 17.16 8.22
CA LYS A 140 -0.07 18.28 8.97
C LYS A 140 -1.41 17.88 9.57
N LEU A 141 -1.63 18.28 10.82
CA LEU A 141 -2.88 17.99 11.50
C LEU A 141 -3.86 19.15 11.39
N ASP A 142 -5.14 18.84 11.34
CA ASP A 142 -6.16 19.88 11.31
C ASP A 142 -7.46 19.32 11.85
N GLU A 143 -8.55 20.04 11.57
CA GLU A 143 -9.89 19.65 11.97
C GLU A 143 -10.24 18.23 11.53
N LYS A 144 -9.94 17.90 10.27
CA LYS A 144 -10.35 16.62 9.69
C LYS A 144 -9.25 15.54 9.72
N ASN A 145 -8.07 15.89 10.22
CA ASN A 145 -6.94 14.95 10.26
C ASN A 145 -6.24 15.03 11.60
N THR A 146 -6.64 14.15 12.53
CA THR A 146 -6.34 14.37 13.92
C THR A 146 -5.31 13.38 14.46
N ILE A 147 -4.92 12.42 13.63
CA ILE A 147 -3.91 11.45 14.04
C ILE A 147 -2.55 11.81 13.44
N PRO A 148 -1.53 11.94 14.30
CA PRO A 148 -0.19 12.25 13.82
C PRO A 148 0.29 11.18 12.86
N HIS A 149 0.94 11.60 11.79
CA HIS A 149 1.36 10.64 10.79
C HIS A 149 2.57 11.16 10.06
N THR A 150 3.34 10.24 9.49
CA THR A 150 4.59 10.56 8.85
C THR A 150 4.69 9.83 7.53
N PHE A 151 4.97 10.58 6.47
CA PHE A 151 5.17 10.02 5.16
C PHE A 151 6.63 9.63 4.95
N LEU A 152 6.89 8.33 4.76
CA LEU A 152 8.25 7.84 4.51
C LEU A 152 8.38 7.37 3.08
N HIS A 153 9.47 7.75 2.42
CA HIS A 153 9.83 7.09 1.18
C HIS A 153 11.11 6.33 1.45
N LEU A 154 11.02 5.01 1.42
CA LEU A 154 12.15 4.12 1.73
C LEU A 154 12.65 3.42 0.48
N ILE A 155 13.97 3.37 0.32
CA ILE A 155 14.58 2.75 -0.85
C ILE A 155 15.50 1.63 -0.38
N ARG A 156 15.37 0.46 -0.99
CA ARG A 156 16.14 -0.70 -0.54
C ARG A 156 17.64 -0.43 -0.65
N LYS A 157 18.38 -0.73 0.40
CA LYS A 157 19.83 -0.51 0.39
C LYS A 157 20.54 -1.61 -0.39
N LYS A 158 21.62 -1.27 -1.07
CA LYS A 158 22.41 -2.27 -1.78
C LYS A 158 23.30 -3.02 -0.80
N LEU A 159 23.47 -4.33 -1.01
CA LEU A 159 24.45 -5.08 -0.25
C LEU A 159 25.82 -4.91 -0.88
N VAL A 160 26.76 -4.35 -0.11
CA VAL A 160 28.11 -4.09 -0.60
C VAL A 160 29.13 -4.65 0.39
N PRO A 161 30.34 -4.99 -0.10
CA PRO A 161 31.37 -5.52 0.81
C PRO A 161 31.88 -4.43 1.77
N ARG A 162 31.98 -4.78 3.04
CA ARG A 162 32.47 -3.85 4.08
C ARG A 162 31.67 -2.57 4.12
#